data_5ZFY
#
_entry.id   5ZFY
#
_cell.length_a   65.256
_cell.length_b   65.256
_cell.length_c   150.697
_cell.angle_alpha   90.00
_cell.angle_beta   90.00
_cell.angle_gamma   120.00
#
_symmetry.space_group_name_H-M   'P 32 2 1'
#
loop_
_entity.id
_entity.type
_entity.pdbx_description
1 polymer 'Double homeobox protein 4-like protein 4'
2 polymer "DNA (5'-D(*CP*CP*AP*CP*TP*AP*AP*CP*CP*TP*AP*CP*TP*CP*AP*CP*AP*CP*C)-3')"
3 polymer "DNA (5'-D(*GP*GP*TP*GP*TP*GP*AP*GP*TP*AP*GP*GP*TP*TP*AP*GP*TP*GP*G)-3')"
4 water water
#
loop_
_entity_poly.entity_id
_entity_poly.type
_entity_poly.pdbx_seq_one_letter_code
_entity_poly.pdbx_strand_id
1 'polypeptide(L)'
;MALPTPSDSTLPAEARGRGRRRRLVWTPSQSEALRACFERNPYPGIATRERLAQAIGIPEPRVQIWFQNERSRQLRQHRR
ESRPWPGRRGPPEGRRKRTAVTGSQTALLLRAFEKDRFPGIAAREELARETGLPESRIQIWFQNRRARH
;
A
2 'polydeoxyribonucleotide' (DC)(DC)(DA)(DC)(DT)(DA)(DA)(DC)(DC)(DT)(DA)(DC)(DT)(DC)(DA)(DC)(DA)(DC)(DC) D
3 'polydeoxyribonucleotide' (DG)(DG)(DT)(DG)(DT)(DG)(DA)(DG)(DT)(DA)(DG)(DG)(DT)(DT)(DA)(DG)(DT)(DG)(DG) E
#
loop_
_chem_comp.id
_chem_comp.type
_chem_comp.name
_chem_comp.formula
DA DNA linking 2'-DEOXYADENOSINE-5'-MONOPHOSPHATE 'C10 H14 N5 O6 P'
DC DNA linking 2'-DEOXYCYTIDINE-5'-MONOPHOSPHATE 'C9 H14 N3 O7 P'
DG DNA linking 2'-DEOXYGUANOSINE-5'-MONOPHOSPHATE 'C10 H14 N5 O7 P'
DT DNA linking THYMIDINE-5'-MONOPHOSPHATE 'C10 H15 N2 O8 P'
#
# COMPACT_ATOMS: atom_id res chain seq x y z
N ARG A 18 -11.00 11.28 10.88
CA ARG A 18 -10.32 10.23 10.15
C ARG A 18 -11.24 9.50 9.18
N GLY A 19 -11.30 10.00 7.94
CA GLY A 19 -11.99 9.30 6.88
C GLY A 19 -11.01 8.46 6.08
N ARG A 20 -11.45 7.27 5.69
CA ARG A 20 -10.63 6.42 4.86
C ARG A 20 -10.93 6.67 3.39
N ARG A 21 -10.03 6.21 2.52
CA ARG A 21 -10.21 6.40 1.09
C ARG A 21 -11.45 5.64 0.61
N ARG A 22 -12.01 6.08 -0.51
CA ARG A 22 -13.22 5.45 -1.02
C ARG A 22 -12.92 4.04 -1.49
N ARG A 23 -13.63 3.07 -0.92
CA ARG A 23 -13.43 1.67 -1.25
C ARG A 23 -13.80 1.41 -2.71
N LEU A 24 -12.85 0.85 -3.46
CA LEU A 24 -13.10 0.52 -4.85
C LEU A 24 -13.83 -0.82 -4.94
N VAL A 25 -14.28 -1.14 -6.17
CA VAL A 25 -15.02 -2.36 -6.44
C VAL A 25 -14.46 -2.96 -7.72
N TRP A 26 -13.96 -4.19 -7.64
CA TRP A 26 -13.31 -4.81 -8.78
C TRP A 26 -14.31 -5.14 -9.89
N THR A 27 -13.90 -4.94 -11.13
CA THR A 27 -14.59 -5.52 -12.26
C THR A 27 -14.22 -7.00 -12.37
N PRO A 28 -15.01 -7.79 -13.10
CA PRO A 28 -14.62 -9.21 -13.28
C PRO A 28 -13.29 -9.37 -13.98
N SER A 29 -12.99 -8.49 -14.93
CA SER A 29 -11.71 -8.58 -15.63
C SER A 29 -10.55 -8.36 -14.67
N GLN A 30 -10.72 -7.45 -13.73
CA GLN A 30 -9.65 -7.17 -12.76
C GLN A 30 -9.51 -8.32 -11.78
N SER A 31 -10.64 -8.81 -11.24
CA SER A 31 -10.58 -9.94 -10.32
C SER A 31 -9.85 -11.11 -10.93
N GLU A 32 -10.19 -11.46 -12.18
CA GLU A 32 -9.53 -12.60 -12.82
C GLU A 32 -8.03 -12.38 -12.90
N ALA A 33 -7.60 -11.18 -13.31
CA ALA A 33 -6.18 -10.91 -13.46
C ALA A 33 -5.45 -11.05 -12.12
N LEU A 34 -6.06 -10.52 -11.05
CA LEU A 34 -5.44 -10.60 -9.73
C LEU A 34 -5.25 -12.04 -9.29
N ARG A 35 -6.31 -12.86 -9.40
CA ARG A 35 -6.22 -14.23 -8.95
C ARG A 35 -5.24 -15.04 -9.81
N ALA A 36 -5.24 -14.82 -11.12
CA ALA A 36 -4.30 -15.54 -11.98
C ALA A 36 -2.86 -15.27 -11.56
N CYS A 37 -2.52 -13.99 -11.31
CA CYS A 37 -1.16 -13.68 -10.91
C CYS A 37 -0.87 -14.21 -9.52
N PHE A 38 -1.81 -14.05 -8.59
CA PHE A 38 -1.63 -14.61 -7.25
C PHE A 38 -1.36 -16.11 -7.32
N GLU A 39 -2.01 -16.79 -8.27
CA GLU A 39 -1.85 -18.24 -8.40
C GLU A 39 -0.43 -18.60 -8.77
N ARG A 40 0.19 -17.79 -9.63
CA ARG A 40 1.56 -18.03 -10.06
C ARG A 40 2.56 -17.75 -8.95
N ASN A 41 2.35 -16.64 -8.24
CA ASN A 41 3.24 -16.26 -7.16
C ASN A 41 2.51 -15.36 -6.17
N PRO A 42 2.15 -15.87 -5.00
CA PRO A 42 1.49 -15.04 -3.99
C PRO A 42 2.40 -14.01 -3.34
N TYR A 43 3.67 -13.91 -3.72
CA TYR A 43 4.62 -12.96 -3.14
C TYR A 43 5.31 -12.14 -4.23
N PRO A 44 4.54 -11.35 -4.99
CA PRO A 44 5.15 -10.57 -6.07
C PRO A 44 5.99 -9.43 -5.51
N GLY A 45 7.02 -9.07 -6.29
CA GLY A 45 7.80 -7.88 -6.00
C GLY A 45 7.22 -6.65 -6.69
N ILE A 46 7.89 -5.52 -6.49
CA ILE A 46 7.34 -4.25 -6.95
C ILE A 46 7.15 -4.26 -8.46
N ALA A 47 8.04 -4.93 -9.19
CA ALA A 47 7.94 -4.93 -10.65
C ALA A 47 6.70 -5.69 -11.11
N THR A 48 6.46 -6.87 -10.56
CA THR A 48 5.24 -7.60 -10.88
C THR A 48 4.00 -6.80 -10.48
N ARG A 49 4.01 -6.19 -9.29
CA ARG A 49 2.86 -5.41 -8.87
C ARG A 49 2.64 -4.20 -9.76
N GLU A 50 3.72 -3.54 -10.20
CA GLU A 50 3.55 -2.37 -11.06
C GLU A 50 3.00 -2.77 -12.42
N ARG A 51 3.52 -3.86 -12.98
CA ARG A 51 3.02 -4.33 -14.28
C ARG A 51 1.54 -4.70 -14.19
N LEU A 52 1.18 -5.53 -13.20
CA LEU A 52 -0.22 -5.91 -13.00
C LEU A 52 -1.11 -4.69 -12.82
N ALA A 53 -0.65 -3.71 -12.03
CA ALA A 53 -1.45 -2.53 -11.73
C ALA A 53 -1.81 -1.78 -13.01
N GLN A 54 -0.82 -1.56 -13.88
CA GLN A 54 -1.08 -0.85 -15.12
C GLN A 54 -1.88 -1.70 -16.09
N ALA A 55 -1.65 -3.01 -16.08
CA ALA A 55 -2.35 -3.88 -17.02
C ALA A 55 -3.85 -3.89 -16.78
N ILE A 56 -4.29 -3.62 -15.54
CA ILE A 56 -5.69 -3.73 -15.18
C ILE A 56 -6.29 -2.40 -14.76
N GLY A 57 -5.53 -1.31 -14.79
CA GLY A 57 -6.07 0.01 -14.50
C GLY A 57 -6.34 0.28 -13.04
N ILE A 58 -5.45 -0.14 -12.15
CA ILE A 58 -5.63 0.04 -10.71
C ILE A 58 -4.31 0.59 -10.17
N PRO A 59 -4.33 1.57 -9.26
CA PRO A 59 -3.07 2.04 -8.66
C PRO A 59 -2.33 0.91 -7.95
N GLU A 60 -1.01 0.91 -8.09
CA GLU A 60 -0.21 -0.15 -7.49
C GLU A 60 -0.46 -0.36 -5.99
N PRO A 61 -0.62 0.68 -5.15
CA PRO A 61 -0.86 0.40 -3.72
C PRO A 61 -2.11 -0.41 -3.47
N ARG A 62 -3.17 -0.22 -4.26
CA ARG A 62 -4.36 -1.05 -4.08
C ARG A 62 -4.06 -2.51 -4.40
N VAL A 63 -3.19 -2.77 -5.37
CA VAL A 63 -2.81 -4.14 -5.71
C VAL A 63 -2.04 -4.75 -4.54
N GLN A 64 -1.08 -4.02 -4.00
CA GLN A 64 -0.31 -4.55 -2.88
C GLN A 64 -1.22 -4.88 -1.71
N ILE A 65 -2.19 -4.00 -1.41
CA ILE A 65 -3.12 -4.27 -0.33
C ILE A 65 -3.92 -5.54 -0.61
N TRP A 66 -4.31 -5.74 -1.88
CA TRP A 66 -5.09 -6.94 -2.22
C TRP A 66 -4.26 -8.20 -2.01
N PHE A 67 -3.01 -8.21 -2.47
CA PHE A 67 -2.16 -9.37 -2.26
C PHE A 67 -1.99 -9.69 -0.77
N GLN A 68 -1.95 -8.65 0.07
CA GLN A 68 -1.88 -8.89 1.50
C GLN A 68 -3.17 -9.52 2.03
N ASN A 69 -4.32 -8.98 1.62
CA ASN A 69 -5.59 -9.56 2.07
C ASN A 69 -5.80 -10.95 1.48
N GLU A 70 -5.44 -11.15 0.21
CA GLU A 70 -5.64 -12.45 -0.39
C GLU A 70 -4.83 -13.52 0.31
N ARG A 71 -3.59 -13.19 0.71
CA ARG A 71 -2.78 -14.16 1.44
C ARG A 71 -3.38 -14.49 2.80
N SER A 72 -3.94 -13.50 3.49
CA SER A 72 -4.54 -13.79 4.79
C SER A 72 -5.82 -14.60 4.63
N ARG A 73 -6.58 -14.36 3.56
CA ARG A 73 -7.67 -15.28 3.23
C ARG A 73 -7.13 -16.69 3.02
N GLN A 74 -6.33 -16.87 1.96
CA GLN A 74 -5.83 -18.21 1.62
C GLN A 74 -5.23 -18.95 2.81
N LEU A 75 -4.44 -18.26 3.63
CA LEU A 75 -3.85 -18.93 4.80
C LEU A 75 -4.91 -19.33 5.83
N ARG A 76 -6.00 -18.58 5.94
CA ARG A 76 -7.00 -18.89 6.96
C ARG A 76 -7.81 -20.13 6.60
N GLN A 77 -8.17 -20.28 5.32
CA GLN A 77 -8.84 -21.50 4.89
C GLN A 77 -7.89 -22.70 4.85
N HIS A 78 -6.63 -22.49 4.48
CA HIS A 78 -5.66 -23.58 4.52
C HIS A 78 -5.32 -24.02 5.94
N ARG A 79 -5.83 -23.30 6.93
CA ARG A 79 -5.59 -23.64 8.33
C ARG A 79 -6.71 -24.48 8.88
N ARG A 80 -7.86 -24.45 8.24
CA ARG A 80 -9.00 -25.23 8.70
C ARG A 80 -9.43 -26.28 7.71
N GLU A 81 -8.72 -26.43 6.59
CA GLU A 81 -8.81 -27.61 5.75
C GLU A 81 -7.60 -28.52 5.92
N SER A 82 -6.41 -27.91 5.90
CA SER A 82 -5.17 -28.66 6.05
C SER A 82 -4.54 -28.43 7.42
N PRO A 92 12.81 -15.10 -4.01
CA PRO A 92 12.22 -13.85 -3.54
C PRO A 92 12.39 -12.70 -4.54
N GLU A 93 11.28 -12.14 -5.00
CA GLU A 93 11.34 -11.04 -5.96
C GLU A 93 11.74 -9.74 -5.28
N GLY A 94 12.21 -8.79 -6.09
CA GLY A 94 12.86 -7.61 -5.55
C GLY A 94 11.86 -6.64 -4.94
N ARG A 95 12.23 -6.09 -3.79
CA ARG A 95 11.38 -5.14 -3.09
C ARG A 95 11.41 -3.77 -3.77
N ARG A 96 10.43 -2.95 -3.43
CA ARG A 96 10.43 -1.55 -3.83
C ARG A 96 11.70 -0.87 -3.32
N LYS A 97 12.31 -0.05 -4.18
CA LYS A 97 13.52 0.66 -3.81
C LYS A 97 13.24 1.65 -2.67
N ARG A 98 14.19 1.74 -1.74
CA ARG A 98 14.00 2.54 -0.54
C ARG A 98 13.83 4.02 -0.88
N THR A 99 12.69 4.58 -0.47
CA THR A 99 12.39 5.97 -0.76
C THR A 99 13.31 6.90 0.03
N ALA A 100 14.01 7.78 -0.68
CA ALA A 100 14.88 8.75 -0.04
C ALA A 100 14.04 9.90 0.50
N VAL A 101 14.15 10.17 1.79
CA VAL A 101 13.37 11.21 2.45
C VAL A 101 14.33 12.26 3.01
N THR A 102 14.21 13.49 2.52
CA THR A 102 15.08 14.56 2.98
C THR A 102 14.74 14.97 4.40
N GLY A 103 15.69 15.68 5.04
CA GLY A 103 15.41 16.25 6.35
C GLY A 103 14.31 17.28 6.29
N SER A 104 14.16 17.96 5.16
CA SER A 104 13.06 18.90 4.97
C SER A 104 11.72 18.17 5.02
N GLN A 105 11.60 17.08 4.26
CA GLN A 105 10.36 16.31 4.26
C GLN A 105 10.10 15.67 5.62
N THR A 106 11.14 15.09 6.23
CA THR A 106 10.99 14.47 7.54
C THR A 106 10.50 15.47 8.59
N ALA A 107 11.09 16.67 8.60
CA ALA A 107 10.70 17.67 9.58
C ALA A 107 9.23 18.04 9.44
N LEU A 108 8.73 18.06 8.21
CA LEU A 108 7.32 18.41 7.99
C LEU A 108 6.41 17.25 8.39
N LEU A 109 6.81 16.02 8.07
CA LEU A 109 6.06 14.85 8.54
C LEU A 109 6.06 14.77 10.06
N LEU A 110 7.20 15.13 10.69
CA LEU A 110 7.29 15.03 12.14
C LEU A 110 6.36 16.03 12.83
N ARG A 111 6.25 17.25 12.29
CA ARG A 111 5.35 18.23 12.90
C ARG A 111 3.89 17.81 12.73
N ALA A 112 3.56 17.22 11.58
CA ALA A 112 2.23 16.65 11.41
C ALA A 112 2.01 15.51 12.40
N PHE A 113 3.03 14.67 12.59
CA PHE A 113 2.90 13.51 13.46
C PHE A 113 2.61 13.91 14.89
N GLU A 114 3.19 15.01 15.37
CA GLU A 114 2.94 15.44 16.74
C GLU A 114 1.52 15.95 16.93
N LYS A 115 0.88 16.42 15.85
CA LYS A 115 -0.48 16.90 15.96
C LYS A 115 -1.46 15.73 15.94
N ASP A 116 -1.29 14.82 14.97
CA ASP A 116 -2.19 13.70 14.80
C ASP A 116 -1.40 12.52 14.27
N ARG A 117 -1.40 11.41 15.00
CA ARG A 117 -0.68 10.22 14.58
C ARG A 117 -1.49 9.35 13.63
N PHE A 118 -2.77 9.65 13.43
CA PHE A 118 -3.64 8.85 12.56
C PHE A 118 -4.30 9.75 11.52
N PRO A 119 -3.52 10.31 10.59
CA PRO A 119 -4.12 11.15 9.56
C PRO A 119 -5.02 10.33 8.65
N GLY A 120 -6.19 10.90 8.32
CA GLY A 120 -7.07 10.32 7.35
C GLY A 120 -6.54 10.50 5.94
N ILE A 121 -7.34 10.05 4.97
CA ILE A 121 -6.90 10.10 3.58
C ILE A 121 -6.68 11.55 3.14
N ALA A 122 -7.53 12.46 3.61
CA ALA A 122 -7.38 13.86 3.26
C ALA A 122 -6.05 14.40 3.76
N ALA A 123 -5.74 14.14 5.04
CA ALA A 123 -4.48 14.64 5.60
C ALA A 123 -3.28 14.00 4.91
N ARG A 124 -3.35 12.69 4.63
CA ARG A 124 -2.24 12.05 3.94
C ARG A 124 -2.06 12.63 2.54
N GLU A 125 -3.16 12.93 1.85
CA GLU A 125 -3.05 13.52 0.52
C GLU A 125 -2.48 14.93 0.58
N GLU A 126 -2.81 15.68 1.64
CA GLU A 126 -2.19 16.99 1.83
C GLU A 126 -0.70 16.86 2.06
N LEU A 127 -0.31 15.93 2.95
CA LEU A 127 1.09 15.74 3.25
C LEU A 127 1.86 15.23 2.04
N ALA A 128 1.24 14.39 1.22
CA ALA A 128 1.87 13.98 -0.03
C ALA A 128 2.09 15.17 -0.94
N ARG A 129 1.10 16.07 -1.02
CA ARG A 129 1.24 17.26 -1.86
C ARG A 129 2.37 18.15 -1.36
N GLU A 130 2.45 18.36 -0.04
CA GLU A 130 3.42 19.30 0.50
C GLU A 130 4.84 18.73 0.45
N THR A 131 5.00 17.41 0.54
CA THR A 131 6.32 16.80 0.53
C THR A 131 6.80 16.42 -0.86
N GLY A 132 5.88 16.15 -1.79
CA GLY A 132 6.23 15.55 -3.06
C GLY A 132 6.35 14.05 -3.02
N LEU A 133 6.22 13.43 -1.85
CA LEU A 133 6.27 11.99 -1.73
C LEU A 133 4.92 11.37 -2.09
N PRO A 134 4.91 10.11 -2.51
CA PRO A 134 3.64 9.43 -2.80
C PRO A 134 2.84 9.20 -1.52
N GLU A 135 1.52 9.27 -1.67
CA GLU A 135 0.64 9.07 -0.51
C GLU A 135 0.86 7.71 0.12
N SER A 136 1.07 6.66 -0.69
CA SER A 136 1.32 5.34 -0.13
C SER A 136 2.56 5.33 0.75
N ARG A 137 3.56 6.15 0.42
CA ARG A 137 4.74 6.25 1.26
C ARG A 137 4.47 7.03 2.54
N ILE A 138 3.60 8.04 2.49
CA ILE A 138 3.21 8.74 3.71
C ILE A 138 2.54 7.78 4.68
N GLN A 139 1.68 6.89 4.16
CA GLN A 139 0.98 5.97 5.05
C GLN A 139 1.95 5.01 5.73
N ILE A 140 2.92 4.49 4.98
CA ILE A 140 3.90 3.60 5.57
C ILE A 140 4.76 4.34 6.60
N TRP A 141 5.14 5.58 6.29
CA TRP A 141 5.94 6.35 7.24
C TRP A 141 5.24 6.49 8.57
N PHE A 142 3.92 6.72 8.55
CA PHE A 142 3.16 6.88 9.79
C PHE A 142 3.02 5.54 10.52
N GLN A 143 2.84 4.45 9.78
CA GLN A 143 2.76 3.13 10.43
C GLN A 143 4.06 2.79 11.15
N ASN A 144 5.20 2.98 10.47
CA ASN A 144 6.48 2.73 11.10
C ASN A 144 6.71 3.68 12.27
N ARG A 145 6.39 4.97 12.09
CA ARG A 145 6.64 5.95 13.14
C ARG A 145 5.80 5.67 14.38
N ARG A 146 4.57 5.20 14.20
CA ARG A 146 3.72 4.91 15.36
C ARG A 146 4.28 3.74 16.16
N ALA A 147 4.89 2.77 15.49
CA ALA A 147 5.43 1.61 16.20
C ALA A 147 6.71 1.92 16.95
N ARG A 148 7.43 2.97 16.57
CA ARG A 148 8.76 3.24 17.10
C ARG A 148 8.85 4.53 17.91
N HIS A 149 7.81 5.36 17.91
CA HIS A 149 7.81 6.56 18.74
C HIS A 149 6.41 6.79 19.29
#